data_6ZTE
#
_entry.id   6ZTE
#
_entity_poly.entity_id   1
_entity_poly.type   'polydeoxyribonucleotide'
_entity_poly.pdbx_seq_one_letter_code
;(DG)(DA)(DT)(DC)(DA)(DG)(DT)(DT)(DT)(DT)(DA)(DC)(DT)(DG)(DA)(DT)(DC)(DG)(DG)(DG)
(DT)(DG)(DG)(DT)(DG)(DG)(DG)(DT)(DG)(DG)(DG)(DG)(DA)(DA)(DG)(DG)
;
_entity_poly.pdbx_strand_id   A
#